data_7BVU
#
_entry.id   7BVU
#
_cell.length_a   48.619
_cell.length_b   72.402
_cell.length_c   157.957
_cell.angle_alpha   90.000
_cell.angle_beta   90.000
_cell.angle_gamma   90.000
#
_symmetry.space_group_name_H-M   'P 21 21 21'
#
loop_
_entity.id
_entity.type
_entity.pdbx_description
1 polymer 'Ferrous iron transport protein B'
2 non-polymer 1,2-ETHANEDIOL
3 non-polymer "GUANOSINE-5'-DIPHOSPHATE"
4 non-polymer 'TETRAFLUOROALUMINATE ION'
5 non-polymer 'MAGNESIUM ION'
6 non-polymer 'POTASSIUM ION'
7 non-polymer 'CHLORIDE ION'
8 water water
#
_entity_poly.entity_id   1
_entity_poly.type   'polypeptide(L)'
_entity_poly.pdbx_seq_one_letter_code
;GAMASHMTEIALIGNPNSGKTSLFNLITGHNQRVGNWPGVTVERKSGLVKKNKDLEIQDLPGIYSMSPYSPAAKVARDYL
LSQRADSILNVVDATNLERNLYLTTQLIETGIPVTIALNMIDVLDGQGKKINVDKLSYHLGVPVVATSALKQTGVDQVVK
KAAHTTTSTVGDLAFPIYDDRLEAAISQILEVLGNSVPQRSARFYAIKLFEQDSLVEAELDLSQFQRKEIEDIIRITEEI
FTEDAESIVINERYAFIERVCQMAESHTEDFALTLS
;
_entity_poly.pdbx_strand_id   A,B
#
loop_
_chem_comp.id
_chem_comp.type
_chem_comp.name
_chem_comp.formula
ALF non-polymer 'TETRAFLUOROALUMINATE ION' 'Al F4 -1'
CL non-polymer 'CHLORIDE ION' 'Cl -1'
EDO non-polymer 1,2-ETHANEDIOL 'C2 H6 O2'
GDP RNA linking GUANOSINE-5'-DIPHOSPHATE 'C10 H15 N5 O11 P2'
K non-polymer 'POTASSIUM ION' 'K 1'
MG non-polymer 'MAGNESIUM ION' 'Mg 2'
#
# COMPACT_ATOMS: atom_id res chain seq x y z
N MET A 7 -24.83 -31.14 -7.87
CA MET A 7 -25.36 -29.93 -7.25
C MET A 7 -24.46 -28.73 -7.56
N THR A 8 -25.09 -27.58 -7.83
CA THR A 8 -24.34 -26.39 -8.17
C THR A 8 -23.51 -25.91 -6.98
N GLU A 9 -22.21 -25.76 -7.19
CA GLU A 9 -21.28 -25.39 -6.13
C GLU A 9 -20.75 -23.98 -6.37
N ILE A 10 -20.98 -23.08 -5.43
CA ILE A 10 -20.47 -21.71 -5.46
C ILE A 10 -19.36 -21.60 -4.42
N ALA A 11 -18.19 -21.16 -4.85
CA ALA A 11 -17.01 -21.06 -3.98
C ALA A 11 -16.74 -19.60 -3.66
N LEU A 12 -16.63 -19.29 -2.37
CA LEU A 12 -16.31 -17.94 -1.91
C LEU A 12 -14.80 -17.77 -1.92
N ILE A 13 -14.29 -16.97 -2.86
CA ILE A 13 -12.87 -16.74 -3.03
C ILE A 13 -12.61 -15.24 -2.85
N GLY A 14 -11.58 -14.91 -2.09
CA GLY A 14 -11.25 -13.52 -1.86
C GLY A 14 -10.11 -13.40 -0.88
N ASN A 15 -9.57 -12.19 -0.80
CA ASN A 15 -8.48 -11.90 0.12
C ASN A 15 -8.92 -12.16 1.56
N PRO A 16 -7.97 -12.42 2.45
CA PRO A 16 -8.30 -12.49 3.88
C PRO A 16 -9.04 -11.24 4.35
N ASN A 17 -9.98 -11.45 5.27
CA ASN A 17 -10.70 -10.37 5.96
C ASN A 17 -11.56 -9.53 5.03
N SER A 18 -11.92 -10.06 3.86
CA SER A 18 -12.76 -9.32 2.93
C SER A 18 -14.26 -9.48 3.19
N GLY A 19 -14.65 -10.33 4.13
CA GLY A 19 -16.05 -10.56 4.43
C GLY A 19 -16.65 -11.84 3.89
N LYS A 20 -15.82 -12.85 3.59
CA LYS A 20 -16.34 -14.07 2.98
C LYS A 20 -17.30 -14.80 3.92
N THR A 21 -16.86 -15.07 5.15
CA THR A 21 -17.71 -15.81 6.09
C THR A 21 -18.93 -14.98 6.48
N SER A 22 -18.77 -13.66 6.60
CA SER A 22 -19.90 -12.79 6.85
C SER A 22 -20.97 -12.97 5.78
N LEU A 23 -20.57 -13.01 4.51
CA LEU A 23 -21.51 -13.27 3.44
C LEU A 23 -22.08 -14.68 3.53
N PHE A 24 -21.22 -15.66 3.82
CA PHE A 24 -21.66 -17.05 3.94
C PHE A 24 -22.79 -17.19 4.96
N ASN A 25 -22.62 -16.58 6.13
CA ASN A 25 -23.63 -16.71 7.19
C ASN A 25 -24.96 -16.11 6.78
N LEU A 26 -24.94 -14.98 6.07
CA LEU A 26 -26.19 -14.39 5.59
C LEU A 26 -26.85 -15.27 4.53
N ILE A 27 -26.04 -15.88 3.65
CA ILE A 27 -26.59 -16.65 2.55
C ILE A 27 -27.14 -17.98 3.04
N THR A 28 -26.46 -18.59 4.01
CA THR A 28 -26.85 -19.91 4.51
C THR A 28 -27.66 -19.87 5.81
N GLY A 29 -27.63 -18.74 6.52
CA GLY A 29 -28.22 -18.70 7.84
C GLY A 29 -27.34 -19.28 8.92
N HIS A 30 -26.13 -19.73 8.59
CA HIS A 30 -25.23 -20.32 9.56
C HIS A 30 -24.65 -19.23 10.46
N ASN A 31 -23.74 -19.65 11.34
CA ASN A 31 -23.07 -18.75 12.27
C ASN A 31 -21.60 -19.14 12.38
N GLN A 32 -20.96 -19.34 11.23
CA GLN A 32 -19.55 -19.68 11.20
C GLN A 32 -18.72 -18.51 11.74
N ARG A 33 -17.54 -18.83 12.25
CA ARG A 33 -16.72 -17.85 12.95
C ARG A 33 -16.37 -16.68 12.05
N VAL A 34 -16.67 -15.47 12.53
CA VAL A 34 -16.36 -14.22 11.86
C VAL A 34 -15.54 -13.37 12.83
N GLY A 35 -14.45 -12.80 12.34
CA GLY A 35 -13.61 -11.97 13.18
C GLY A 35 -13.03 -10.82 12.38
N ASN A 36 -12.78 -9.71 13.08
CA ASN A 36 -12.28 -8.49 12.44
C ASN A 36 -10.77 -8.53 12.22
N TRP A 37 -10.17 -9.71 12.14
CA TRP A 37 -8.77 -9.87 11.81
C TRP A 37 -8.63 -11.01 10.82
N PRO A 38 -7.64 -10.96 9.93
CA PRO A 38 -7.49 -12.02 8.93
C PRO A 38 -7.04 -13.33 9.54
N GLY A 39 -7.51 -14.43 8.94
CA GLY A 39 -7.10 -15.75 9.34
C GLY A 39 -8.05 -16.50 10.24
N VAL A 40 -9.32 -16.08 10.34
CA VAL A 40 -10.28 -16.82 11.14
C VAL A 40 -10.59 -18.17 10.50
N THR A 41 -11.12 -18.16 9.29
CA THR A 41 -11.42 -19.39 8.57
C THR A 41 -10.13 -20.02 8.06
N VAL A 42 -9.96 -21.32 8.30
CA VAL A 42 -8.74 -22.01 7.92
C VAL A 42 -9.07 -23.28 7.13
N GLU A 43 -10.34 -23.64 7.08
CA GLU A 43 -10.75 -24.81 6.30
C GLU A 43 -12.14 -24.57 5.71
N ARG A 44 -12.49 -25.41 4.73
CA ARG A 44 -13.70 -25.22 3.96
C ARG A 44 -14.94 -25.56 4.79
N LYS A 45 -16.02 -24.83 4.51
CA LYS A 45 -17.30 -25.03 5.17
C LYS A 45 -18.42 -24.90 4.14
N SER A 46 -19.28 -25.91 4.07
CA SER A 46 -20.36 -25.94 3.10
C SER A 46 -21.69 -25.55 3.74
N GLY A 47 -22.62 -25.11 2.89
CA GLY A 47 -23.95 -24.75 3.32
C GLY A 47 -24.87 -24.49 2.14
N LEU A 48 -26.16 -24.73 2.33
CA LEU A 48 -27.13 -24.46 1.27
C LEU A 48 -27.55 -23.00 1.29
N VAL A 49 -27.70 -22.43 0.09
CA VAL A 49 -28.29 -21.09 -0.02
C VAL A 49 -29.71 -21.15 0.49
N LYS A 50 -30.00 -20.38 1.54
CA LYS A 50 -31.27 -20.47 2.25
C LYS A 50 -32.46 -20.21 1.33
N LYS A 51 -32.32 -19.28 0.38
CA LYS A 51 -33.43 -18.94 -0.50
C LYS A 51 -33.48 -19.78 -1.78
N ASN A 52 -32.39 -20.46 -2.12
CA ASN A 52 -32.38 -21.43 -3.22
C ASN A 52 -31.64 -22.67 -2.71
N LYS A 53 -32.40 -23.67 -2.27
CA LYS A 53 -31.81 -24.87 -1.69
C LYS A 53 -31.17 -25.78 -2.74
N ASP A 54 -31.13 -25.36 -4.00
CA ASP A 54 -30.41 -26.08 -5.04
C ASP A 54 -28.98 -25.59 -5.21
N LEU A 55 -28.61 -24.47 -4.59
CA LEU A 55 -27.26 -23.94 -4.63
C LEU A 55 -26.53 -24.27 -3.34
N GLU A 56 -25.35 -24.87 -3.46
CA GLU A 56 -24.46 -25.10 -2.32
C GLU A 56 -23.29 -24.15 -2.43
N ILE A 57 -22.99 -23.47 -1.33
CA ILE A 57 -21.93 -22.46 -1.30
C ILE A 57 -20.85 -22.90 -0.32
N GLN A 58 -19.60 -22.57 -0.64
CA GLN A 58 -18.43 -23.04 0.10
C GLN A 58 -17.67 -21.84 0.66
N ASP A 59 -17.65 -21.73 1.99
CA ASP A 59 -16.78 -20.78 2.65
C ASP A 59 -15.35 -21.32 2.66
N LEU A 60 -14.40 -20.46 2.33
CA LEU A 60 -13.01 -20.88 2.15
C LEU A 60 -12.10 -19.88 2.83
N PRO A 61 -10.89 -20.30 3.20
CA PRO A 61 -9.94 -19.35 3.80
C PRO A 61 -9.52 -18.27 2.82
N GLY A 62 -9.12 -17.13 3.37
CA GLY A 62 -8.64 -16.05 2.53
C GLY A 62 -7.42 -16.43 1.72
N ILE A 63 -7.24 -15.74 0.60
CA ILE A 63 -6.17 -16.05 -0.34
C ILE A 63 -5.81 -14.78 -1.08
N TYR A 64 -4.51 -14.56 -1.29
CA TYR A 64 -4.03 -13.40 -2.03
C TYR A 64 -3.66 -13.73 -3.47
N SER A 65 -3.26 -14.97 -3.75
CA SER A 65 -2.75 -15.35 -5.06
C SER A 65 -3.00 -16.83 -5.27
N MET A 66 -3.34 -17.20 -6.51
CA MET A 66 -3.45 -18.62 -6.85
C MET A 66 -2.11 -19.34 -6.85
N SER A 67 -1.03 -18.64 -6.53
CA SER A 67 0.21 -19.26 -6.10
C SER A 67 0.32 -18.95 -4.61
N PRO A 68 -0.38 -19.69 -3.76
CA PRO A 68 -0.64 -19.23 -2.40
C PRO A 68 0.60 -19.19 -1.53
N TYR A 69 0.54 -18.33 -0.53
CA TYR A 69 1.63 -18.11 0.41
C TYR A 69 1.47 -18.88 1.71
N SER A 70 0.39 -19.66 1.84
CA SER A 70 0.07 -20.30 3.11
C SER A 70 -0.66 -21.60 2.82
N PRO A 71 -0.61 -22.56 3.76
CA PRO A 71 -1.45 -23.76 3.60
C PRO A 71 -2.93 -23.46 3.65
N ALA A 72 -3.35 -22.50 4.47
CA ALA A 72 -4.76 -22.13 4.55
C ALA A 72 -5.27 -21.61 3.21
N ALA A 73 -4.51 -20.70 2.60
CA ALA A 73 -4.88 -20.20 1.28
C ALA A 73 -4.83 -21.32 0.26
N LYS A 74 -3.88 -22.26 0.39
CA LYS A 74 -3.80 -23.38 -0.54
C LYS A 74 -5.04 -24.25 -0.49
N VAL A 75 -5.74 -24.26 0.65
CA VAL A 75 -7.04 -24.93 0.73
C VAL A 75 -8.00 -24.33 -0.28
N ALA A 76 -8.02 -23.00 -0.39
CA ALA A 76 -8.90 -22.34 -1.35
C ALA A 76 -8.48 -22.64 -2.78
N ARG A 77 -7.17 -22.59 -3.06
CA ARG A 77 -6.69 -22.90 -4.40
C ARG A 77 -7.00 -24.34 -4.78
N ASP A 78 -6.79 -25.28 -3.85
CA ASP A 78 -6.99 -26.69 -4.16
C ASP A 78 -8.44 -27.00 -4.46
N TYR A 79 -9.37 -26.35 -3.75
CA TYR A 79 -10.78 -26.56 -4.03
C TYR A 79 -11.15 -26.10 -5.43
N LEU A 80 -10.63 -24.94 -5.85
CA LEU A 80 -10.89 -24.45 -7.20
C LEU A 80 -10.35 -25.41 -8.24
N LEU A 81 -9.11 -25.87 -8.07
CA LEU A 81 -8.47 -26.73 -9.04
C LEU A 81 -8.91 -28.18 -8.93
N SER A 82 -9.70 -28.54 -7.91
CA SER A 82 -10.30 -29.86 -7.87
C SER A 82 -11.46 -29.99 -8.85
N GLN A 83 -11.83 -28.90 -9.52
CA GLN A 83 -12.87 -28.85 -10.54
C GLN A 83 -14.26 -29.15 -9.98
N ARG A 84 -14.44 -29.03 -8.66
CA ARG A 84 -15.74 -29.26 -8.05
C ARG A 84 -16.63 -28.02 -8.05
N ALA A 85 -16.05 -26.83 -8.11
CA ALA A 85 -16.83 -25.60 -8.10
C ALA A 85 -17.35 -25.27 -9.49
N ASP A 86 -18.62 -24.88 -9.56
CA ASP A 86 -19.22 -24.43 -10.81
C ASP A 86 -19.20 -22.92 -10.96
N SER A 87 -19.12 -22.18 -9.86
CA SER A 87 -19.10 -20.73 -9.87
C SER A 87 -18.10 -20.23 -8.84
N ILE A 88 -17.33 -19.21 -9.20
CA ILE A 88 -16.49 -18.50 -8.26
C ILE A 88 -17.20 -17.20 -7.88
N LEU A 89 -17.55 -17.06 -6.61
CA LEU A 89 -18.10 -15.82 -6.07
C LEU A 89 -16.93 -15.05 -5.46
N ASN A 90 -16.35 -14.15 -6.25
CA ASN A 90 -15.13 -13.46 -5.86
C ASN A 90 -15.49 -12.30 -4.94
N VAL A 91 -15.13 -12.40 -3.67
CA VAL A 91 -15.44 -11.38 -2.68
C VAL A 91 -14.30 -10.37 -2.67
N VAL A 92 -14.60 -9.15 -3.10
CA VAL A 92 -13.59 -8.11 -3.29
C VAL A 92 -13.81 -7.02 -2.25
N ASP A 93 -12.78 -6.73 -1.46
CA ASP A 93 -12.79 -5.61 -0.53
C ASP A 93 -12.84 -4.31 -1.31
N ALA A 94 -13.99 -3.61 -1.26
CA ALA A 94 -14.14 -2.40 -2.05
C ALA A 94 -13.18 -1.30 -1.65
N THR A 95 -12.67 -1.33 -0.42
CA THR A 95 -11.71 -0.34 0.03
C THR A 95 -10.28 -0.64 -0.41
N ASN A 96 -10.05 -1.83 -0.98
CA ASN A 96 -8.73 -2.22 -1.52
C ASN A 96 -8.97 -2.86 -2.88
N LEU A 97 -9.39 -2.05 -3.85
CA LEU A 97 -9.77 -2.59 -5.16
C LEU A 97 -8.56 -3.15 -5.91
N GLU A 98 -7.52 -2.34 -6.07
CA GLU A 98 -6.37 -2.74 -6.87
C GLU A 98 -5.72 -4.01 -6.32
N ARG A 99 -5.47 -4.03 -5.00
CA ARG A 99 -4.82 -5.19 -4.40
C ARG A 99 -5.66 -6.45 -4.56
N ASN A 100 -6.98 -6.33 -4.42
CA ASN A 100 -7.84 -7.50 -4.53
C ASN A 100 -7.94 -8.00 -5.97
N LEU A 101 -7.96 -7.07 -6.93
CA LEU A 101 -8.13 -7.46 -8.34
C LEU A 101 -6.96 -8.27 -8.88
N TYR A 102 -5.80 -8.22 -8.24
CA TYR A 102 -4.69 -9.07 -8.67
C TYR A 102 -5.07 -10.54 -8.60
N LEU A 103 -5.70 -10.95 -7.50
CA LEU A 103 -6.23 -12.31 -7.41
C LEU A 103 -7.35 -12.54 -8.40
N THR A 104 -8.19 -11.52 -8.62
CA THR A 104 -9.34 -11.66 -9.51
C THR A 104 -8.92 -12.09 -10.91
N THR A 105 -7.84 -11.51 -11.43
CA THR A 105 -7.38 -11.87 -12.76
C THR A 105 -7.03 -13.35 -12.85
N GLN A 106 -6.41 -13.89 -11.81
CA GLN A 106 -6.06 -15.31 -11.79
C GLN A 106 -7.31 -16.18 -11.69
N LEU A 107 -8.30 -15.74 -10.92
CA LEU A 107 -9.54 -16.51 -10.80
C LEU A 107 -10.26 -16.62 -12.14
N ILE A 108 -10.27 -15.53 -12.93
CA ILE A 108 -10.93 -15.56 -14.23
C ILE A 108 -10.23 -16.57 -15.15
N GLU A 109 -8.90 -16.63 -15.08
CA GLU A 109 -8.14 -17.53 -15.94
C GLU A 109 -8.44 -19.00 -15.65
N THR A 110 -8.97 -19.31 -14.47
CA THR A 110 -9.32 -20.69 -14.14
C THR A 110 -10.41 -21.25 -15.05
N GLY A 111 -11.13 -20.40 -15.77
CA GLY A 111 -12.24 -20.85 -16.59
C GLY A 111 -13.51 -21.10 -15.83
N ILE A 112 -13.47 -21.06 -14.50
CA ILE A 112 -14.70 -21.13 -13.71
C ILE A 112 -15.35 -19.75 -13.71
N PRO A 113 -16.63 -19.64 -14.08
CA PRO A 113 -17.25 -18.31 -14.18
C PRO A 113 -17.17 -17.54 -12.87
N VAL A 114 -16.73 -16.29 -12.97
CA VAL A 114 -16.48 -15.44 -11.80
C VAL A 114 -17.61 -14.42 -11.69
N THR A 115 -18.16 -14.29 -10.49
CA THR A 115 -19.06 -13.20 -10.13
C THR A 115 -18.45 -12.45 -8.96
N ILE A 116 -18.38 -11.14 -9.06
CA ILE A 116 -17.71 -10.31 -8.07
C ILE A 116 -18.74 -9.78 -7.08
N ALA A 117 -18.48 -10.01 -5.79
CA ALA A 117 -19.22 -9.36 -4.70
C ALA A 117 -18.33 -8.24 -4.19
N LEU A 118 -18.63 -7.01 -4.60
CA LEU A 118 -17.85 -5.84 -4.18
C LEU A 118 -18.29 -5.48 -2.77
N ASN A 119 -17.69 -6.18 -1.79
CA ASN A 119 -18.16 -6.14 -0.43
C ASN A 119 -17.59 -4.93 0.32
N MET A 120 -18.13 -4.70 1.52
N MET A 120 -18.13 -4.70 1.52
CA MET A 120 -17.76 -3.56 2.35
CA MET A 120 -17.77 -3.55 2.35
C MET A 120 -18.02 -2.23 1.64
C MET A 120 -18.02 -2.23 1.64
N ILE A 121 -19.08 -2.18 0.83
CA ILE A 121 -19.43 -0.95 0.12
C ILE A 121 -19.89 0.14 1.07
N ASP A 122 -20.38 -0.24 2.26
CA ASP A 122 -20.73 0.77 3.26
C ASP A 122 -19.50 1.52 3.75
N VAL A 123 -18.36 0.83 3.84
CA VAL A 123 -17.11 1.49 4.20
C VAL A 123 -16.76 2.56 3.17
N LEU A 124 -16.89 2.22 1.89
CA LEU A 124 -16.65 3.20 0.84
C LEU A 124 -17.67 4.33 0.89
N ASP A 125 -18.94 3.99 1.13
CA ASP A 125 -19.99 5.01 1.23
C ASP A 125 -19.65 6.07 2.27
N GLY A 126 -19.26 5.63 3.47
CA GLY A 126 -18.95 6.58 4.54
C GLY A 126 -17.81 7.52 4.17
N GLN A 127 -16.82 7.01 3.45
CA GLN A 127 -15.70 7.83 3.00
C GLN A 127 -16.01 8.65 1.76
N GLY A 128 -17.28 8.71 1.35
CA GLY A 128 -17.67 9.50 0.19
C GLY A 128 -17.02 9.09 -1.10
N LYS A 129 -16.63 7.82 -1.24
CA LYS A 129 -16.01 7.32 -2.44
C LYS A 129 -17.02 6.51 -3.25
N LYS A 130 -16.93 6.63 -4.57
CA LYS A 130 -17.84 5.97 -5.49
C LYS A 130 -17.07 5.05 -6.43
N ILE A 131 -17.74 3.99 -6.88
CA ILE A 131 -17.14 3.01 -7.77
C ILE A 131 -18.21 2.51 -8.73
N ASN A 132 -18.12 2.93 -9.99
CA ASN A 132 -19.12 2.55 -10.98
C ASN A 132 -19.01 1.06 -11.27
N VAL A 133 -20.01 0.31 -10.78
CA VAL A 133 -20.00 -1.15 -10.93
C VAL A 133 -20.11 -1.55 -12.40
N ASP A 134 -20.88 -0.80 -13.19
CA ASP A 134 -21.06 -1.16 -14.60
C ASP A 134 -19.77 -1.03 -15.38
N LYS A 135 -19.01 0.04 -15.15
CA LYS A 135 -17.72 0.21 -15.83
C LYS A 135 -16.76 -0.90 -15.41
N LEU A 136 -16.67 -1.17 -14.11
CA LEU A 136 -15.81 -2.24 -13.61
C LEU A 136 -16.19 -3.59 -14.21
N SER A 137 -17.50 -3.88 -14.26
CA SER A 137 -17.96 -5.12 -14.88
C SER A 137 -17.59 -5.17 -16.36
N TYR A 138 -17.73 -4.05 -17.06
CA TYR A 138 -17.41 -4.03 -18.49
C TYR A 138 -15.95 -4.33 -18.74
N HIS A 139 -15.05 -3.73 -17.95
CA HIS A 139 -13.63 -3.89 -18.20
C HIS A 139 -13.12 -5.25 -17.73
N LEU A 140 -13.73 -5.82 -16.69
CA LEU A 140 -13.32 -7.14 -16.20
C LEU A 140 -13.99 -8.28 -16.94
N GLY A 141 -15.15 -8.04 -17.55
CA GLY A 141 -15.87 -9.09 -18.25
C GLY A 141 -16.66 -10.02 -17.37
N VAL A 142 -16.93 -9.64 -16.12
CA VAL A 142 -17.66 -10.49 -15.18
C VAL A 142 -18.76 -9.66 -14.52
N PRO A 143 -19.85 -10.27 -14.07
CA PRO A 143 -20.85 -9.52 -13.29
C PRO A 143 -20.24 -9.00 -11.99
N VAL A 144 -20.64 -7.81 -11.60
CA VAL A 144 -20.19 -7.18 -10.36
C VAL A 144 -21.41 -6.66 -9.62
N VAL A 145 -21.45 -6.91 -8.32
CA VAL A 145 -22.53 -6.42 -7.47
C VAL A 145 -21.92 -5.84 -6.19
N ALA A 146 -22.18 -4.56 -5.93
CA ALA A 146 -21.78 -3.98 -4.66
C ALA A 146 -22.57 -4.64 -3.53
N THR A 147 -21.84 -5.08 -2.51
CA THR A 147 -22.45 -5.80 -1.40
C THR A 147 -21.99 -5.17 -0.09
N SER A 148 -22.78 -5.40 0.96
CA SER A 148 -22.37 -5.11 2.32
C SER A 148 -22.96 -6.17 3.23
N ALA A 149 -22.12 -6.97 3.86
CA ALA A 149 -22.59 -7.98 4.79
C ALA A 149 -23.10 -7.37 6.09
N LEU A 150 -22.64 -6.17 6.44
CA LEU A 150 -23.07 -5.53 7.67
C LEU A 150 -24.45 -4.90 7.49
N LYS A 151 -24.64 -4.11 6.44
CA LYS A 151 -25.94 -3.53 6.12
C LYS A 151 -26.88 -4.53 5.46
N GLN A 152 -26.37 -5.70 5.08
CA GLN A 152 -27.18 -6.75 4.43
C GLN A 152 -27.84 -6.22 3.15
N THR A 153 -27.02 -5.66 2.26
CA THR A 153 -27.47 -5.15 0.98
C THR A 153 -26.75 -5.86 -0.16
N GLY A 154 -27.48 -6.19 -1.22
CA GLY A 154 -26.91 -6.77 -2.42
C GLY A 154 -26.59 -8.24 -2.32
N VAL A 155 -26.75 -8.86 -1.15
CA VAL A 155 -26.34 -10.25 -0.95
C VAL A 155 -27.14 -11.18 -1.85
N ASP A 156 -28.47 -11.17 -1.70
CA ASP A 156 -29.33 -12.04 -2.50
C ASP A 156 -29.13 -11.83 -3.99
N GLN A 157 -28.80 -10.60 -4.41
CA GLN A 157 -28.64 -10.31 -5.84
C GLN A 157 -27.38 -10.95 -6.40
N VAL A 158 -26.27 -10.86 -5.66
CA VAL A 158 -25.01 -11.41 -6.17
C VAL A 158 -25.06 -12.93 -6.21
N VAL A 159 -25.87 -13.55 -5.34
CA VAL A 159 -26.00 -15.00 -5.37
C VAL A 159 -26.76 -15.45 -6.61
N LYS A 160 -27.80 -14.70 -7.00
CA LYS A 160 -28.55 -15.03 -8.20
C LYS A 160 -27.69 -14.93 -9.46
N LYS A 161 -26.86 -13.89 -9.57
CA LYS A 161 -26.03 -13.75 -10.76
C LYS A 161 -24.93 -14.82 -10.79
N ALA A 162 -24.34 -15.14 -9.63
CA ALA A 162 -23.42 -16.27 -9.57
C ALA A 162 -24.12 -17.55 -9.99
N ALA A 163 -25.38 -17.72 -9.57
CA ALA A 163 -26.17 -18.89 -9.93
C ALA A 163 -26.42 -18.96 -11.43
N HIS A 164 -26.37 -17.84 -12.14
CA HIS A 164 -26.75 -17.81 -13.55
C HIS A 164 -25.55 -17.80 -14.49
N THR A 165 -24.35 -17.49 -13.98
CA THR A 165 -23.16 -17.69 -14.79
C THR A 165 -22.90 -19.17 -15.05
N THR A 166 -23.68 -20.06 -14.42
CA THR A 166 -23.49 -21.50 -14.51
C THR A 166 -24.46 -22.16 -15.48
N THR A 167 -25.31 -21.38 -16.15
CA THR A 167 -26.33 -21.95 -17.02
C THR A 167 -25.87 -22.01 -18.48
N LEU A 173 -16.76 -17.33 -22.21
CA LEU A 173 -16.07 -16.62 -21.14
C LEU A 173 -14.95 -15.74 -21.70
N ALA A 174 -14.89 -14.50 -21.22
CA ALA A 174 -13.90 -13.52 -21.67
C ALA A 174 -12.81 -13.41 -20.61
N PHE A 175 -11.57 -13.66 -21.02
CA PHE A 175 -10.40 -13.58 -20.18
C PHE A 175 -9.71 -12.23 -20.33
N PRO A 176 -9.11 -11.70 -19.26
CA PRO A 176 -8.27 -10.50 -19.40
C PRO A 176 -7.18 -10.75 -20.43
N ILE A 177 -7.29 -10.10 -21.58
CA ILE A 177 -6.33 -10.29 -22.66
C ILE A 177 -5.17 -9.33 -22.44
N TYR A 178 -3.96 -9.89 -22.39
CA TYR A 178 -2.73 -9.18 -22.07
C TYR A 178 -2.01 -8.82 -23.36
N ASP A 179 -0.78 -8.30 -23.22
CA ASP A 179 0.11 -8.05 -24.34
C ASP A 179 0.10 -9.23 -25.30
N ASP A 180 -0.11 -8.94 -26.58
CA ASP A 180 -0.22 -10.00 -27.58
C ASP A 180 1.06 -10.82 -27.69
N ARG A 181 2.20 -10.21 -27.37
CA ARG A 181 3.45 -10.99 -27.32
C ARG A 181 3.37 -12.07 -26.25
N LEU A 182 2.78 -11.76 -25.09
CA LEU A 182 2.57 -12.78 -24.07
C LEU A 182 1.47 -13.76 -24.49
N GLU A 183 0.42 -13.25 -25.15
CA GLU A 183 -0.66 -14.12 -25.60
C GLU A 183 -0.17 -15.13 -26.63
N ALA A 184 0.81 -14.75 -27.45
CA ALA A 184 1.41 -15.70 -28.37
C ALA A 184 2.05 -16.87 -27.62
N ALA A 185 2.82 -16.57 -26.58
CA ALA A 185 3.45 -17.63 -25.80
C ALA A 185 2.42 -18.50 -25.10
N ILE A 186 1.35 -17.89 -24.59
CA ILE A 186 0.30 -18.65 -23.92
C ILE A 186 -0.34 -19.64 -24.89
N SER A 187 -0.55 -19.23 -26.14
CA SER A 187 -1.14 -20.12 -27.12
C SER A 187 -0.19 -21.26 -27.48
N GLN A 188 1.11 -20.96 -27.55
CA GLN A 188 2.10 -22.01 -27.80
C GLN A 188 2.14 -23.02 -26.67
N ILE A 189 2.12 -22.55 -25.42
CA ILE A 189 2.14 -23.47 -24.28
C ILE A 189 0.86 -24.29 -24.22
N LEU A 190 -0.28 -23.70 -24.63
CA LEU A 190 -1.52 -24.45 -24.65
C LEU A 190 -1.45 -25.63 -25.60
N GLU A 191 -0.88 -25.42 -26.79
CA GLU A 191 -0.76 -26.50 -27.77
C GLU A 191 0.21 -27.58 -27.30
N VAL A 192 1.19 -27.22 -26.48
CA VAL A 192 2.07 -28.23 -25.90
C VAL A 192 1.32 -29.02 -24.83
N LEU A 193 0.46 -28.35 -24.07
CA LEU A 193 -0.27 -29.02 -23.01
C LEU A 193 -1.25 -30.03 -23.56
N GLY A 194 -1.97 -29.68 -24.62
CA GLY A 194 -3.01 -30.57 -25.14
C GLY A 194 -4.03 -30.88 -24.06
N ASN A 195 -4.31 -32.16 -23.88
CA ASN A 195 -5.27 -32.62 -22.88
C ASN A 195 -4.61 -32.95 -21.54
N SER A 196 -3.39 -32.46 -21.32
CA SER A 196 -2.72 -32.69 -20.04
C SER A 196 -3.38 -31.93 -18.90
N VAL A 197 -4.28 -31.00 -19.20
CA VAL A 197 -4.97 -30.22 -18.19
C VAL A 197 -6.46 -30.22 -18.51
N PRO A 198 -7.30 -29.97 -17.51
CA PRO A 198 -8.72 -29.75 -17.81
C PRO A 198 -8.89 -28.57 -18.76
N GLN A 199 -9.68 -28.78 -19.82
CA GLN A 199 -9.81 -27.77 -20.86
C GLN A 199 -10.34 -26.45 -20.30
N ARG A 200 -11.24 -26.52 -19.31
CA ARG A 200 -11.81 -25.31 -18.74
C ARG A 200 -10.73 -24.39 -18.16
N SER A 201 -9.70 -24.98 -17.53
CA SER A 201 -8.66 -24.22 -16.85
CA SER A 201 -8.65 -24.22 -16.86
C SER A 201 -7.33 -24.26 -17.60
N ALA A 202 -7.36 -24.54 -18.90
CA ALA A 202 -6.11 -24.66 -19.66
C ALA A 202 -5.32 -23.36 -19.65
N ARG A 203 -5.99 -22.22 -19.86
CA ARG A 203 -5.29 -20.94 -19.86
C ARG A 203 -4.59 -20.68 -18.53
N PHE A 204 -5.26 -21.01 -17.42
CA PHE A 204 -4.65 -20.81 -16.11
C PHE A 204 -3.35 -21.59 -15.98
N TYR A 205 -3.38 -22.88 -16.32
CA TYR A 205 -2.17 -23.70 -16.22
C TYR A 205 -1.09 -23.22 -17.17
N ALA A 206 -1.47 -22.80 -18.37
CA ALA A 206 -0.49 -22.29 -19.33
C ALA A 206 0.23 -21.07 -18.78
N ILE A 207 -0.52 -20.15 -18.15
CA ILE A 207 0.09 -18.93 -17.62
C ILE A 207 1.00 -19.24 -16.45
N LYS A 208 0.53 -20.09 -15.53
CA LYS A 208 1.36 -20.49 -14.40
C LYS A 208 2.64 -21.18 -14.85
N LEU A 209 2.55 -22.00 -15.90
CA LEU A 209 3.76 -22.62 -16.44
C LEU A 209 4.71 -21.59 -17.02
N PHE A 210 4.17 -20.56 -17.68
CA PHE A 210 5.02 -19.45 -18.12
C PHE A 210 5.64 -18.73 -16.94
N GLU A 211 4.87 -18.53 -15.87
CA GLU A 211 5.39 -17.95 -14.63
C GLU A 211 6.43 -18.85 -13.97
N GLN A 212 6.63 -20.06 -14.48
CA GLN A 212 7.49 -21.05 -13.85
C GLN A 212 7.06 -21.31 -12.41
N ASP A 213 5.74 -21.39 -12.21
CA ASP A 213 5.14 -21.68 -10.93
C ASP A 213 5.47 -23.10 -10.50
N SER A 214 6.06 -23.24 -9.30
CA SER A 214 6.51 -24.54 -8.83
C SER A 214 5.34 -25.49 -8.55
N LEU A 215 4.24 -24.95 -8.02
CA LEU A 215 3.09 -25.79 -7.69
C LEU A 215 2.54 -26.45 -8.94
N VAL A 216 2.28 -25.67 -9.98
CA VAL A 216 1.72 -26.21 -11.23
C VAL A 216 2.69 -27.19 -11.87
N GLU A 217 3.99 -26.86 -11.88
CA GLU A 217 4.98 -27.77 -12.46
C GLU A 217 4.97 -29.12 -11.75
N ALA A 218 4.88 -29.12 -10.42
CA ALA A 218 4.86 -30.37 -9.68
C ALA A 218 3.54 -31.11 -9.84
N GLU A 219 2.45 -30.38 -10.09
CA GLU A 219 1.13 -31.01 -10.18
C GLU A 219 0.90 -31.68 -11.53
N LEU A 220 1.35 -31.07 -12.63
CA LEU A 220 1.00 -31.55 -13.96
C LEU A 220 1.78 -32.80 -14.35
N ASP A 221 3.08 -32.83 -14.06
CA ASP A 221 3.94 -33.96 -14.40
C ASP A 221 3.99 -34.20 -15.92
N LEU A 222 4.47 -33.18 -16.62
CA LEU A 222 4.56 -33.23 -18.08
C LEU A 222 5.79 -34.04 -18.50
N SER A 223 5.74 -34.52 -19.74
CA SER A 223 6.86 -35.29 -20.28
C SER A 223 8.06 -34.39 -20.52
N GLN A 224 9.23 -35.01 -20.65
CA GLN A 224 10.44 -34.26 -20.99
C GLN A 224 10.29 -33.54 -22.32
N PHE A 225 9.55 -34.13 -23.25
CA PHE A 225 9.30 -33.50 -24.54
C PHE A 225 8.47 -32.23 -24.38
N GLN A 226 7.48 -32.25 -23.49
CA GLN A 226 6.68 -31.06 -23.23
C GLN A 226 7.49 -29.98 -22.52
N ARG A 227 8.26 -30.38 -21.50
CA ARG A 227 8.98 -29.40 -20.69
C ARG A 227 10.09 -28.71 -21.47
N LYS A 228 10.74 -29.42 -22.40
CA LYS A 228 11.79 -28.79 -23.19
C LYS A 228 11.24 -27.67 -24.05
N GLU A 229 10.08 -27.88 -24.67
CA GLU A 229 9.50 -26.86 -25.53
C GLU A 229 8.99 -25.67 -24.72
N ILE A 230 8.30 -25.94 -23.60
CA ILE A 230 7.83 -24.85 -22.74
C ILE A 230 8.99 -23.99 -22.28
N GLU A 231 10.11 -24.61 -21.90
CA GLU A 231 11.30 -23.85 -21.56
C GLU A 231 11.77 -22.99 -22.73
N ASP A 232 11.73 -23.53 -23.95
CA ASP A 232 12.15 -22.78 -25.11
C ASP A 232 11.18 -21.65 -25.42
N ILE A 233 9.88 -21.88 -25.21
CA ILE A 233 8.90 -20.81 -25.40
C ILE A 233 9.15 -19.67 -24.42
N ILE A 234 9.39 -20.02 -23.15
CA ILE A 234 9.65 -18.99 -22.14
C ILE A 234 10.90 -18.20 -22.49
N ARG A 235 11.97 -18.89 -22.85
CA ARG A 235 13.24 -18.21 -23.15
C ARG A 235 13.09 -17.27 -24.35
N ILE A 236 12.42 -17.73 -25.40
CA ILE A 236 12.21 -16.88 -26.57
C ILE A 236 11.36 -15.66 -26.20
N THR A 237 10.29 -15.88 -25.44
CA THR A 237 9.43 -14.77 -25.06
C THR A 237 10.13 -13.82 -24.11
N GLU A 238 10.97 -14.34 -23.21
CA GLU A 238 11.74 -13.48 -22.32
C GLU A 238 12.67 -12.56 -23.12
N GLU A 239 13.34 -13.12 -24.13
CA GLU A 239 14.19 -12.31 -24.99
C GLU A 239 13.38 -11.23 -25.71
N ILE A 240 12.16 -11.58 -26.15
CA ILE A 240 11.31 -10.60 -26.85
C ILE A 240 10.94 -9.46 -25.90
N PHE A 241 10.57 -9.79 -24.67
CA PHE A 241 10.20 -8.77 -23.70
C PHE A 241 11.39 -8.06 -23.09
N THR A 242 12.59 -8.66 -23.19
CA THR A 242 13.77 -8.20 -22.46
C THR A 242 13.48 -8.12 -20.96
N GLU A 243 12.68 -9.07 -20.48
CA GLU A 243 12.28 -9.14 -19.08
C GLU A 243 12.16 -10.61 -18.67
N ASP A 244 12.30 -10.85 -17.38
CA ASP A 244 12.14 -12.19 -16.85
C ASP A 244 10.68 -12.60 -16.92
N ALA A 245 10.45 -13.92 -17.05
CA ALA A 245 9.12 -14.44 -17.32
C ALA A 245 8.14 -14.04 -16.23
N GLU A 246 8.51 -14.27 -14.96
CA GLU A 246 7.61 -14.01 -13.85
C GLU A 246 7.18 -12.55 -13.80
N SER A 247 8.09 -11.64 -14.12
CA SER A 247 7.76 -10.22 -14.09
C SER A 247 6.88 -9.82 -15.27
N ILE A 248 7.00 -10.51 -16.41
CA ILE A 248 6.15 -10.22 -17.56
C ILE A 248 4.68 -10.41 -17.19
N VAL A 249 4.37 -11.49 -16.48
CA VAL A 249 2.97 -11.78 -16.15
C VAL A 249 2.45 -10.82 -15.09
N ILE A 250 3.26 -10.58 -14.04
CA ILE A 250 2.85 -9.65 -12.99
C ILE A 250 2.59 -8.27 -13.56
N ASN A 251 3.47 -7.80 -14.45
CA ASN A 251 3.28 -6.49 -15.06
C ASN A 251 2.03 -6.46 -15.92
N GLU A 252 1.75 -7.56 -16.63
CA GLU A 252 0.56 -7.59 -17.48
C GLU A 252 -0.72 -7.65 -16.66
N ARG A 253 -0.69 -8.31 -15.51
CA ARG A 253 -1.86 -8.32 -14.63
C ARG A 253 -2.16 -6.92 -14.12
N TYR A 254 -1.16 -6.27 -13.53
CA TYR A 254 -1.34 -4.92 -13.00
C TYR A 254 -1.71 -3.93 -14.09
N ALA A 255 -0.99 -3.98 -15.22
CA ALA A 255 -1.32 -3.11 -16.35
C ALA A 255 -2.77 -3.29 -16.78
N PHE A 256 -3.27 -4.52 -16.74
CA PHE A 256 -4.67 -4.76 -17.05
C PHE A 256 -5.58 -4.15 -15.98
N ILE A 257 -5.15 -4.21 -14.72
CA ILE A 257 -5.96 -3.65 -13.62
C ILE A 257 -6.06 -2.14 -13.75
N GLU A 258 -4.92 -1.47 -13.97
CA GLU A 258 -4.92 -0.01 -14.04
C GLU A 258 -5.78 0.51 -15.19
N ARG A 259 -5.96 -0.29 -16.25
CA ARG A 259 -6.85 0.12 -17.33
C ARG A 259 -8.32 0.05 -16.91
N VAL A 260 -8.61 -0.65 -15.82
CA VAL A 260 -9.98 -0.84 -15.36
C VAL A 260 -10.27 -0.09 -14.07
N CYS A 261 -9.26 0.30 -13.31
CA CYS A 261 -9.46 0.90 -12.00
C CYS A 261 -9.41 2.42 -12.06
N MET B 7 23.78 33.03 7.58
CA MET B 7 22.98 32.88 6.37
C MET B 7 21.87 31.86 6.56
N THR B 8 20.69 32.17 6.02
CA THR B 8 19.53 31.30 6.17
C THR B 8 19.73 29.98 5.44
N GLU B 9 19.53 28.88 6.16
CA GLU B 9 19.71 27.54 5.63
C GLU B 9 18.33 26.87 5.52
N ILE B 10 17.95 26.51 4.30
CA ILE B 10 16.71 25.78 4.05
C ILE B 10 17.08 24.34 3.66
N ALA B 11 16.51 23.38 4.38
CA ALA B 11 16.82 21.97 4.17
C ALA B 11 15.66 21.28 3.46
N LEU B 12 15.96 20.60 2.36
CA LEU B 12 14.96 19.84 1.60
C LEU B 12 14.87 18.44 2.20
N ILE B 13 13.75 18.16 2.89
CA ILE B 13 13.52 16.88 3.55
C ILE B 13 12.26 16.26 2.97
N GLY B 14 12.33 14.97 2.66
CA GLY B 14 11.18 14.28 2.10
C GLY B 14 11.52 12.86 1.75
N ASN B 15 10.47 12.09 1.47
CA ASN B 15 10.63 10.71 1.07
C ASN B 15 11.46 10.60 -0.21
N PRO B 16 12.09 9.45 -0.45
CA PRO B 16 12.74 9.22 -1.74
C PRO B 16 11.78 9.46 -2.90
N ASN B 17 12.34 9.98 -3.99
CA ASN B 17 11.63 10.13 -5.27
C ASN B 17 10.46 11.11 -5.19
N SER B 18 10.47 12.02 -4.21
CA SER B 18 9.39 12.98 -4.06
C SER B 18 9.61 14.26 -4.88
N GLY B 19 10.76 14.42 -5.51
CA GLY B 19 11.04 15.60 -6.30
C GLY B 19 11.94 16.63 -5.65
N LYS B 20 12.75 16.24 -4.66
CA LYS B 20 13.56 17.21 -3.94
C LYS B 20 14.60 17.85 -4.85
N THR B 21 15.39 17.02 -5.55
CA THR B 21 16.44 17.56 -6.42
C THR B 21 15.84 18.33 -7.59
N SER B 22 14.70 17.87 -8.11
CA SER B 22 14.02 18.61 -9.17
C SER B 22 13.71 20.04 -8.73
N LEU B 23 13.19 20.20 -7.51
CA LEU B 23 12.94 21.54 -6.99
C LEU B 23 14.25 22.28 -6.74
N PHE B 24 15.26 21.60 -6.19
CA PHE B 24 16.55 22.22 -5.94
C PHE B 24 17.12 22.85 -7.21
N ASN B 25 17.10 22.10 -8.32
CA ASN B 25 17.67 22.61 -9.57
C ASN B 25 16.90 23.83 -10.06
N LEU B 26 15.59 23.85 -9.88
CA LEU B 26 14.80 25.02 -10.25
C LEU B 26 15.13 26.22 -9.38
N ILE B 27 15.34 25.99 -8.08
CA ILE B 27 15.56 27.09 -7.16
C ILE B 27 16.95 27.68 -7.31
N THR B 28 17.95 26.83 -7.57
CA THR B 28 19.34 27.27 -7.65
C THR B 28 19.83 27.48 -9.08
N GLY B 29 19.13 26.95 -10.07
CA GLY B 29 19.64 26.95 -11.42
C GLY B 29 20.66 25.87 -11.70
N HIS B 30 20.94 25.01 -10.71
CA HIS B 30 21.91 23.94 -10.84
C HIS B 30 21.37 22.83 -11.74
N ASN B 31 22.14 21.75 -11.84
CA ASN B 31 21.79 20.59 -12.65
C ASN B 31 22.17 19.32 -11.89
N GLN B 32 21.80 19.25 -10.62
CA GLN B 32 22.08 18.06 -9.82
C GLN B 32 21.30 16.87 -10.37
N ARG B 33 21.84 15.67 -10.14
CA ARG B 33 21.29 14.45 -10.73
C ARG B 33 19.85 14.21 -10.31
N VAL B 34 18.97 14.03 -11.31
CA VAL B 34 17.57 13.73 -11.11
C VAL B 34 17.25 12.44 -11.87
N GLY B 35 16.56 11.52 -11.22
CA GLY B 35 16.20 10.26 -11.85
C GLY B 35 14.85 9.78 -11.37
N ASN B 36 14.16 9.05 -12.25
CA ASN B 36 12.81 8.57 -11.96
C ASN B 36 12.80 7.30 -11.09
N TRP B 37 13.84 7.06 -10.32
CA TRP B 37 13.89 5.95 -9.38
C TRP B 37 14.47 6.45 -8.07
N PRO B 38 14.06 5.87 -6.94
CA PRO B 38 14.56 6.34 -5.64
C PRO B 38 16.03 6.00 -5.44
N GLY B 39 16.72 6.88 -4.73
CA GLY B 39 18.10 6.65 -4.37
C GLY B 39 19.15 7.31 -5.23
N VAL B 40 18.78 8.30 -6.05
CA VAL B 40 19.77 8.99 -6.86
C VAL B 40 20.70 9.83 -5.98
N THR B 41 20.14 10.80 -5.25
CA THR B 41 20.95 11.63 -4.37
C THR B 41 21.35 10.84 -3.14
N VAL B 42 22.63 10.90 -2.79
CA VAL B 42 23.15 10.10 -1.67
C VAL B 42 23.95 10.98 -0.70
N GLU B 43 24.19 12.24 -1.09
CA GLU B 43 24.92 13.15 -0.20
C GLU B 43 24.39 14.56 -0.38
N ARG B 44 24.72 15.41 0.60
CA ARG B 44 24.18 16.76 0.64
C ARG B 44 24.81 17.63 -0.45
N LYS B 45 24.02 18.55 -0.98
CA LYS B 45 24.48 19.49 -1.99
C LYS B 45 23.87 20.85 -1.68
N SER B 46 24.70 21.87 -1.61
CA SER B 46 24.26 23.22 -1.28
C SER B 46 24.14 24.08 -2.52
N GLY B 47 23.36 25.14 -2.40
CA GLY B 47 23.18 26.08 -3.48
C GLY B 47 22.43 27.33 -3.03
N LEU B 48 22.69 28.45 -3.65
CA LEU B 48 21.99 29.69 -3.32
C LEU B 48 20.67 29.76 -4.06
N VAL B 49 19.64 30.26 -3.38
CA VAL B 49 18.38 30.55 -4.04
C VAL B 49 18.63 31.63 -5.08
N LYS B 50 18.36 31.31 -6.34
CA LYS B 50 18.70 32.21 -7.44
C LYS B 50 18.02 33.57 -7.28
N LYS B 51 16.79 33.57 -6.77
CA LYS B 51 16.04 34.81 -6.61
C LYS B 51 16.28 35.49 -5.27
N ASN B 52 16.83 34.78 -4.29
CA ASN B 52 17.23 35.34 -3.00
C ASN B 52 18.62 34.83 -2.66
N LYS B 53 19.65 35.63 -2.95
CA LYS B 53 21.03 35.18 -2.79
C LYS B 53 21.48 35.11 -1.33
N ASP B 54 20.62 35.47 -0.38
CA ASP B 54 20.92 35.26 1.04
C ASP B 54 20.32 33.99 1.61
N LEU B 55 19.52 33.26 0.84
CA LEU B 55 19.01 31.96 1.26
C LEU B 55 19.86 30.86 0.66
N GLU B 56 20.33 29.96 1.51
CA GLU B 56 21.05 28.77 1.08
C GLU B 56 20.16 27.56 1.28
N ILE B 57 20.07 26.73 0.25
CA ILE B 57 19.20 25.56 0.28
C ILE B 57 20.06 24.31 0.16
N GLN B 58 19.64 23.25 0.84
CA GLN B 58 20.42 22.02 0.95
C GLN B 58 19.62 20.87 0.37
N ASP B 59 20.08 20.32 -0.75
CA ASP B 59 19.53 19.09 -1.27
C ASP B 59 20.06 17.91 -0.47
N LEU B 60 19.18 17.00 -0.10
CA LEU B 60 19.53 15.91 0.80
C LEU B 60 18.95 14.60 0.27
N PRO B 61 19.54 13.47 0.66
CA PRO B 61 18.99 12.18 0.23
C PRO B 61 17.60 11.95 0.82
N GLY B 62 16.83 11.13 0.12
CA GLY B 62 15.50 10.78 0.60
C GLY B 62 15.55 10.09 1.94
N ILE B 63 14.44 10.21 2.67
CA ILE B 63 14.36 9.68 4.03
C ILE B 63 12.91 9.34 4.33
N TYR B 64 12.71 8.20 5.00
CA TYR B 64 11.38 7.77 5.42
C TYR B 64 11.10 8.03 6.89
N SER B 65 12.13 8.06 7.73
CA SER B 65 11.94 8.16 9.17
C SER B 65 13.15 8.83 9.80
N MET B 66 12.92 9.65 10.82
CA MET B 66 14.02 10.22 11.59
C MET B 66 14.75 9.20 12.44
N SER B 67 14.33 7.94 12.39
CA SER B 67 15.16 6.81 12.79
C SER B 67 15.50 6.06 11.51
N PRO B 68 16.49 6.54 10.76
CA PRO B 68 16.62 6.16 9.35
C PRO B 68 17.01 4.70 9.16
N TYR B 69 16.67 4.20 7.97
CA TYR B 69 16.89 2.81 7.61
C TYR B 69 18.14 2.60 6.77
N SER B 70 18.88 3.66 6.45
CA SER B 70 20.02 3.57 5.55
C SER B 70 21.00 4.68 5.90
N PRO B 71 22.27 4.54 5.54
CA PRO B 71 23.21 5.65 5.74
C PRO B 71 22.87 6.88 4.92
N ALA B 72 22.32 6.71 3.72
CA ALA B 72 21.95 7.87 2.91
C ALA B 72 20.86 8.69 3.59
N ALA B 73 19.82 8.01 4.11
CA ALA B 73 18.79 8.72 4.85
C ALA B 73 19.33 9.37 6.11
N LYS B 74 20.28 8.71 6.78
CA LYS B 74 20.86 9.27 7.99
C LYS B 74 21.61 10.56 7.71
N VAL B 75 22.11 10.75 6.48
CA VAL B 75 22.71 12.02 6.10
C VAL B 75 21.70 13.16 6.27
N ALA B 76 20.46 12.92 5.84
CA ALA B 76 19.43 13.95 5.99
C ALA B 76 19.07 14.17 7.46
N ARG B 77 18.94 13.09 8.23
CA ARG B 77 18.62 13.22 9.65
C ARG B 77 19.72 13.97 10.39
N ASP B 78 20.98 13.64 10.13
CA ASP B 78 22.07 14.26 10.87
C ASP B 78 22.18 15.75 10.57
N TYR B 79 21.92 16.16 9.33
CA TYR B 79 21.96 17.58 9.02
C TYR B 79 20.90 18.34 9.80
N LEU B 80 19.69 17.77 9.91
CA LEU B 80 18.64 18.41 10.69
C LEU B 80 19.06 18.53 12.16
N LEU B 81 19.59 17.45 12.72
CA LEU B 81 19.96 17.43 14.13
C LEU B 81 21.31 18.08 14.40
N SER B 82 22.06 18.46 13.37
CA SER B 82 23.26 19.24 13.58
C SER B 82 22.97 20.69 13.92
N GLN B 83 21.68 21.08 13.91
CA GLN B 83 21.22 22.43 14.25
C GLN B 83 21.70 23.47 13.26
N ARG B 84 22.10 23.06 12.06
CA ARG B 84 22.52 24.00 11.02
C ARG B 84 21.35 24.50 10.19
N ALA B 85 20.26 23.75 10.12
CA ALA B 85 19.11 24.16 9.33
C ALA B 85 18.23 25.12 10.12
N ASP B 86 17.83 26.22 9.48
CA ASP B 86 16.88 27.15 10.06
C ASP B 86 15.46 26.88 9.60
N SER B 87 15.29 26.24 8.45
CA SER B 87 14.00 25.95 7.86
C SER B 87 14.02 24.54 7.29
N ILE B 88 12.94 23.80 7.50
CA ILE B 88 12.72 22.53 6.83
C ILE B 88 11.72 22.76 5.71
N LEU B 89 12.17 22.55 4.47
CA LEU B 89 11.28 22.57 3.31
C LEU B 89 10.89 21.12 3.03
N ASN B 90 9.76 20.71 3.59
CA ASN B 90 9.33 19.32 3.54
C ASN B 90 8.65 19.06 2.20
N VAL B 91 9.30 18.27 1.35
CA VAL B 91 8.79 17.96 0.02
C VAL B 91 7.92 16.72 0.14
N VAL B 92 6.62 16.88 -0.09
CA VAL B 92 5.63 15.82 0.11
C VAL B 92 5.08 15.41 -1.24
N ASP B 93 5.19 14.12 -1.56
CA ASP B 93 4.58 13.56 -2.76
C ASP B 93 3.06 13.62 -2.61
N ALA B 94 2.42 14.51 -3.38
CA ALA B 94 0.98 14.68 -3.27
C ALA B 94 0.20 13.43 -3.65
N THR B 95 0.80 12.54 -4.45
CA THR B 95 0.11 11.33 -4.86
C THR B 95 0.10 10.25 -3.80
N ASN B 96 0.90 10.40 -2.73
CA ASN B 96 0.88 9.49 -1.58
C ASN B 96 1.01 10.36 -0.33
N LEU B 97 -0.06 11.12 -0.05
CA LEU B 97 -0.02 12.09 1.04
C LEU B 97 0.13 11.42 2.40
N GLU B 98 -0.75 10.44 2.69
CA GLU B 98 -0.76 9.82 4.02
C GLU B 98 0.59 9.20 4.35
N ARG B 99 1.18 8.44 3.42
CA ARG B 99 2.47 7.82 3.66
C ARG B 99 3.55 8.88 3.92
N ASN B 100 3.51 9.99 3.18
CA ASN B 100 4.53 11.02 3.32
C ASN B 100 4.38 11.76 4.64
N LEU B 101 3.14 11.99 5.08
CA LEU B 101 2.91 12.77 6.30
C LEU B 101 3.44 12.10 7.55
N TYR B 102 3.70 10.79 7.52
CA TYR B 102 4.32 10.14 8.66
C TYR B 102 5.67 10.76 8.97
N LEU B 103 6.49 10.99 7.95
CA LEU B 103 7.76 11.68 8.16
C LEU B 103 7.52 13.12 8.62
N THR B 104 6.48 13.77 8.08
CA THR B 104 6.21 15.16 8.40
C THR B 104 6.00 15.36 9.90
N THR B 105 5.27 14.45 10.55
CA THR B 105 5.05 14.57 11.98
C THR B 105 6.37 14.58 12.75
N GLN B 106 7.31 13.74 12.33
CA GLN B 106 8.62 13.71 12.99
C GLN B 106 9.39 15.00 12.73
N LEU B 107 9.27 15.55 11.52
CA LEU B 107 9.96 16.79 11.19
C LEU B 107 9.47 17.95 12.06
N ILE B 108 8.15 18.02 12.29
CA ILE B 108 7.62 19.10 13.12
C ILE B 108 8.14 19.00 14.54
N GLU B 109 8.26 17.77 15.07
CA GLU B 109 8.72 17.59 16.43
C GLU B 109 10.15 18.05 16.64
N THR B 110 10.95 18.14 15.58
CA THR B 110 12.33 18.60 15.71
C THR B 110 12.44 20.04 16.21
N GLY B 111 11.35 20.81 16.12
CA GLY B 111 11.38 22.21 16.47
C GLY B 111 11.92 23.12 15.38
N ILE B 112 12.44 22.56 14.30
CA ILE B 112 12.83 23.37 13.15
C ILE B 112 11.58 23.69 12.34
N PRO B 113 11.32 24.97 12.04
CA PRO B 113 10.07 25.34 11.35
C PRO B 113 9.92 24.59 10.04
N VAL B 114 8.75 23.99 9.84
CA VAL B 114 8.46 23.15 8.68
C VAL B 114 7.56 23.91 7.73
N THR B 115 7.93 23.92 6.45
CA THR B 115 7.06 24.38 5.38
C THR B 115 6.90 23.22 4.40
N ILE B 116 5.66 22.92 4.05
CA ILE B 116 5.35 21.75 3.23
C ILE B 116 5.23 22.19 1.77
N ALA B 117 5.99 21.55 0.90
CA ALA B 117 5.83 21.68 -0.54
C ALA B 117 5.07 20.46 -1.03
N LEU B 118 3.76 20.64 -1.26
CA LEU B 118 2.91 19.56 -1.74
C LEU B 118 3.19 19.37 -3.23
N ASN B 119 4.25 18.63 -3.51
CA ASN B 119 4.83 18.54 -4.84
C ASN B 119 4.12 17.49 -5.69
N MET B 120 4.43 17.48 -6.98
CA MET B 120 3.79 16.61 -7.96
C MET B 120 2.29 16.87 -8.04
N ILE B 121 1.89 18.11 -7.81
CA ILE B 121 0.48 18.48 -7.85
C ILE B 121 -0.09 18.42 -9.26
N ASP B 122 0.77 18.51 -10.29
CA ASP B 122 0.31 18.36 -11.66
C ASP B 122 -0.23 16.96 -11.91
N VAL B 123 0.37 15.94 -11.28
CA VAL B 123 -0.16 14.59 -11.37
C VAL B 123 -1.55 14.52 -10.77
N LEU B 124 -1.75 15.16 -9.62
CA LEU B 124 -3.08 15.17 -9.00
C LEU B 124 -4.08 15.89 -9.88
N ASP B 125 -3.68 17.00 -10.50
CA ASP B 125 -4.56 17.73 -11.41
C ASP B 125 -5.02 16.82 -12.54
N GLY B 126 -4.09 16.10 -13.17
CA GLY B 126 -4.45 15.23 -14.28
C GLY B 126 -5.46 14.17 -13.90
N GLN B 127 -5.35 13.63 -12.68
CA GLN B 127 -6.29 12.63 -12.20
C GLN B 127 -7.57 13.24 -11.63
N GLY B 128 -7.78 14.55 -11.82
CA GLY B 128 -8.98 15.20 -11.33
C GLY B 128 -9.16 15.15 -9.84
N LYS B 129 -8.07 15.07 -9.07
CA LYS B 129 -8.13 15.05 -7.62
C LYS B 129 -7.73 16.41 -7.08
N LYS B 130 -8.41 16.86 -6.02
CA LYS B 130 -8.17 18.15 -5.42
C LYS B 130 -7.83 17.99 -3.95
N ILE B 131 -6.84 18.75 -3.49
CA ILE B 131 -6.46 18.83 -2.08
C ILE B 131 -6.61 20.27 -1.64
N ASN B 132 -7.40 20.50 -0.59
CA ASN B 132 -7.55 21.85 -0.04
C ASN B 132 -6.29 22.16 0.75
N VAL B 133 -5.43 22.99 0.17
CA VAL B 133 -4.16 23.32 0.79
C VAL B 133 -4.38 24.07 2.10
N ASP B 134 -5.39 24.95 2.13
CA ASP B 134 -5.66 25.72 3.34
C ASP B 134 -6.13 24.83 4.48
N LYS B 135 -7.00 23.86 4.18
CA LYS B 135 -7.48 22.95 5.22
C LYS B 135 -6.36 22.11 5.79
N LEU B 136 -5.56 21.49 4.92
CA LEU B 136 -4.41 20.71 5.40
C LEU B 136 -3.44 21.59 6.17
N SER B 137 -3.20 22.81 5.68
CA SER B 137 -2.37 23.74 6.44
C SER B 137 -2.93 24.00 7.82
N TYR B 138 -4.25 24.13 7.93
CA TYR B 138 -4.88 24.42 9.22
C TYR B 138 -4.69 23.26 10.20
N HIS B 139 -4.89 22.03 9.75
CA HIS B 139 -4.84 20.88 10.65
C HIS B 139 -3.43 20.43 10.97
N LEU B 140 -2.48 20.66 10.06
CA LEU B 140 -1.10 20.32 10.34
C LEU B 140 -0.37 21.40 11.13
N GLY B 141 -0.84 22.65 11.06
CA GLY B 141 -0.17 23.73 11.73
C GLY B 141 1.05 24.27 11.03
N VAL B 142 1.22 23.94 9.75
CA VAL B 142 2.40 24.38 8.99
C VAL B 142 1.91 24.99 7.67
N PRO B 143 2.67 25.93 7.10
CA PRO B 143 2.33 26.42 5.76
C PRO B 143 2.45 25.28 4.74
N VAL B 144 1.54 25.28 3.78
CA VAL B 144 1.53 24.31 2.69
C VAL B 144 1.37 25.09 1.39
N VAL B 145 2.16 24.72 0.38
CA VAL B 145 2.06 25.31 -0.95
C VAL B 145 2.13 24.18 -1.95
N ALA B 146 1.09 24.02 -2.76
CA ALA B 146 1.12 23.06 -3.84
C ALA B 146 2.16 23.46 -4.87
N THR B 147 3.04 22.51 -5.22
CA THR B 147 4.12 22.77 -6.16
C THR B 147 4.14 21.68 -7.22
N SER B 148 4.74 22.01 -8.36
CA SER B 148 5.07 21.02 -9.37
C SER B 148 6.39 21.43 -10.02
N ALA B 149 7.41 20.57 -9.89
CA ALA B 149 8.70 20.90 -10.48
C ALA B 149 8.69 20.80 -12.00
N LEU B 150 7.80 19.99 -12.57
CA LEU B 150 7.75 19.86 -14.02
C LEU B 150 7.01 21.04 -14.64
N LYS B 151 5.82 21.35 -14.14
CA LYS B 151 5.11 22.52 -14.60
C LYS B 151 5.71 23.81 -14.05
N GLN B 152 6.62 23.71 -13.07
CA GLN B 152 7.28 24.87 -12.47
C GLN B 152 6.27 25.86 -11.92
N THR B 153 5.39 25.37 -11.05
CA THR B 153 4.39 26.17 -10.38
C THR B 153 4.60 26.08 -8.87
N GLY B 154 4.45 27.22 -8.19
CA GLY B 154 4.53 27.25 -6.75
C GLY B 154 5.93 27.23 -6.18
N VAL B 155 6.96 27.11 -7.03
CA VAL B 155 8.32 26.95 -6.53
C VAL B 155 8.77 28.19 -5.76
N ASP B 156 8.76 29.35 -6.43
CA ASP B 156 9.22 30.58 -5.80
C ASP B 156 8.42 30.93 -4.55
N GLN B 157 7.12 30.63 -4.54
CA GLN B 157 6.27 30.98 -3.40
C GLN B 157 6.57 30.11 -2.18
N VAL B 158 6.72 28.80 -2.38
CA VAL B 158 7.01 27.93 -1.24
C VAL B 158 8.40 28.24 -0.69
N VAL B 159 9.31 28.75 -1.52
CA VAL B 159 10.62 29.12 -1.03
C VAL B 159 10.53 30.38 -0.18
N LYS B 160 9.68 31.33 -0.60
CA LYS B 160 9.47 32.54 0.21
C LYS B 160 8.86 32.19 1.56
N LYS B 161 7.93 31.23 1.57
CA LYS B 161 7.27 30.86 2.82
C LYS B 161 8.22 30.14 3.77
N ALA B 162 9.05 29.24 3.22
CA ALA B 162 10.08 28.58 4.03
C ALA B 162 11.08 29.58 4.58
N ALA B 163 11.46 30.59 3.79
CA ALA B 163 12.47 31.54 4.21
C ALA B 163 12.03 32.32 5.45
N HIS B 164 10.73 32.52 5.62
CA HIS B 164 10.21 33.34 6.70
C HIS B 164 9.46 32.58 7.78
N THR B 165 9.14 31.31 7.56
CA THR B 165 8.53 30.49 8.60
C THR B 165 9.49 30.25 9.77
N PHE B 175 3.28 22.01 17.26
CA PHE B 175 3.56 20.57 17.22
C PHE B 175 2.27 19.78 17.28
N PRO B 176 2.22 18.65 16.59
CA PRO B 176 1.08 17.75 16.76
C PRO B 176 0.89 17.25 18.18
N ILE B 177 -0.19 17.70 18.83
CA ILE B 177 -0.56 17.13 20.12
C ILE B 177 -1.30 15.84 19.95
N TYR B 178 -0.78 14.83 20.62
CA TYR B 178 -1.22 13.46 20.61
C TYR B 178 -2.05 13.25 21.87
N ASP B 179 -2.39 12.00 22.13
CA ASP B 179 -3.06 11.61 23.36
C ASP B 179 -2.41 12.29 24.57
N ASP B 180 -3.24 12.93 25.39
CA ASP B 180 -2.71 13.66 26.54
C ASP B 180 -1.98 12.74 27.52
N ARG B 181 -2.36 11.46 27.55
CA ARG B 181 -1.62 10.49 28.35
C ARG B 181 -0.18 10.38 27.87
N LEU B 182 0.03 10.38 26.55
CA LEU B 182 1.38 10.37 26.01
C LEU B 182 2.06 11.73 26.21
N GLU B 183 1.29 12.81 26.08
CA GLU B 183 1.88 14.15 26.27
C GLU B 183 2.37 14.35 27.69
N ALA B 184 1.71 13.73 28.68
CA ALA B 184 2.19 13.78 30.05
C ALA B 184 3.59 13.15 30.16
N ALA B 185 3.76 11.96 29.58
CA ALA B 185 5.06 11.30 29.62
C ALA B 185 6.11 12.12 28.88
N ILE B 186 5.75 12.71 27.73
CA ILE B 186 6.71 13.51 26.98
C ILE B 186 7.19 14.69 27.81
N SER B 187 6.28 15.35 28.52
CA SER B 187 6.66 16.50 29.33
C SER B 187 7.48 16.06 30.55
N GLN B 188 7.15 14.90 31.11
CA GLN B 188 7.97 14.34 32.18
C GLN B 188 9.37 14.02 31.68
N ILE B 189 9.48 13.43 30.48
CA ILE B 189 10.79 13.13 29.93
C ILE B 189 11.54 14.42 29.63
N LEU B 190 10.83 15.48 29.27
CA LEU B 190 11.46 16.77 29.02
C LEU B 190 12.15 17.29 30.27
N GLU B 191 11.48 17.19 31.43
CA GLU B 191 12.07 17.66 32.67
C GLU B 191 13.28 16.83 33.08
N VAL B 192 13.30 15.56 32.69
CA VAL B 192 14.47 14.72 32.96
C VAL B 192 15.63 15.11 32.05
N LEU B 193 15.33 15.50 30.81
CA LEU B 193 16.39 15.83 29.86
C LEU B 193 17.13 17.09 30.28
N GLY B 194 16.41 18.11 30.75
CA GLY B 194 17.06 19.38 31.07
C GLY B 194 17.79 19.95 29.87
N ASN B 195 19.04 20.36 30.08
CA ASN B 195 19.86 20.96 29.05
C ASN B 195 20.76 19.96 28.34
N SER B 196 20.49 18.66 28.48
CA SER B 196 21.32 17.66 27.80
C SER B 196 21.13 17.64 26.29
N VAL B 197 20.08 18.29 25.78
CA VAL B 197 19.82 18.36 24.34
C VAL B 197 19.53 19.81 23.99
N PRO B 198 19.69 20.17 22.72
CA PRO B 198 19.27 21.52 22.28
C PRO B 198 17.80 21.76 22.58
N GLN B 199 17.53 22.91 23.21
CA GLN B 199 16.16 23.23 23.64
C GLN B 199 15.19 23.20 22.48
N ARG B 200 15.63 23.63 21.29
CA ARG B 200 14.74 23.62 20.12
C ARG B 200 14.25 22.22 19.80
N SER B 201 15.13 21.22 19.95
CA SER B 201 14.83 19.86 19.53
C SER B 201 14.50 18.93 20.69
N ALA B 202 14.19 19.48 21.86
CA ALA B 202 13.98 18.66 23.05
C ALA B 202 12.80 17.70 22.88
N ARG B 203 11.68 18.20 22.33
CA ARG B 203 10.51 17.34 22.14
C ARG B 203 10.83 16.15 21.25
N PHE B 204 11.58 16.38 20.18
CA PHE B 204 11.96 15.28 19.29
C PHE B 204 12.73 14.21 20.05
N TYR B 205 13.75 14.62 20.81
CA TYR B 205 14.55 13.65 21.57
C TYR B 205 13.72 12.99 22.65
N ALA B 206 12.83 13.74 23.30
CA ALA B 206 11.97 13.17 24.33
C ALA B 206 11.11 12.03 23.79
N ILE B 207 10.53 12.22 22.61
CA ILE B 207 9.68 11.18 22.04
C ILE B 207 10.52 9.98 21.61
N LYS B 208 11.66 10.23 20.97
CA LYS B 208 12.55 9.14 20.58
C LYS B 208 12.99 8.33 21.81
N LEU B 209 13.25 9.01 22.92
CA LEU B 209 13.58 8.31 24.15
C LEU B 209 12.39 7.50 24.66
N PHE B 210 11.18 8.05 24.53
CA PHE B 210 9.99 7.28 24.85
C PHE B 210 9.85 6.09 23.92
N GLU B 211 10.14 6.29 22.63
CA GLU B 211 10.17 5.18 21.68
C GLU B 211 11.29 4.20 21.99
N GLN B 212 12.17 4.53 22.94
CA GLN B 212 13.36 3.72 23.22
C GLN B 212 14.17 3.52 21.94
N ASP B 213 14.31 4.60 21.18
CA ASP B 213 15.08 4.59 19.94
C ASP B 213 16.54 4.34 20.25
N SER B 214 17.10 3.30 19.62
CA SER B 214 18.48 2.92 19.93
C SER B 214 19.48 3.98 19.47
N LEU B 215 19.20 4.60 18.32
CA LEU B 215 20.10 5.62 17.79
C LEU B 215 20.23 6.81 18.76
N VAL B 216 19.09 7.37 19.17
CA VAL B 216 19.11 8.54 20.06
C VAL B 216 19.72 8.17 21.41
N GLU B 217 19.37 7.00 21.93
CA GLU B 217 19.95 6.56 23.20
C GLU B 217 21.46 6.49 23.12
N ALA B 218 21.99 5.97 22.01
CA ALA B 218 23.45 5.89 21.87
C ALA B 218 24.07 7.26 21.66
N GLU B 219 23.33 8.20 21.07
CA GLU B 219 23.89 9.53 20.80
C GLU B 219 23.95 10.38 22.06
N LEU B 220 22.91 10.33 22.89
CA LEU B 220 22.80 11.27 24.00
C LEU B 220 23.70 10.88 25.17
N ASP B 221 23.74 9.59 25.51
CA ASP B 221 24.56 9.11 26.63
C ASP B 221 24.11 9.79 27.93
N LEU B 222 22.85 9.53 28.29
CA LEU B 222 22.27 10.17 29.45
C LEU B 222 22.79 9.53 30.74
N SER B 223 22.66 10.28 31.84
CA SER B 223 23.15 9.81 33.12
C SER B 223 22.33 8.62 33.62
N GLN B 224 22.90 7.89 34.58
CA GLN B 224 22.20 6.75 35.16
C GLN B 224 20.90 7.18 35.83
N PHE B 225 20.89 8.34 36.48
CA PHE B 225 19.65 8.83 37.08
C PHE B 225 18.64 9.21 36.00
N GLN B 226 19.12 9.80 34.90
CA GLN B 226 18.21 10.16 33.81
C GLN B 226 17.58 8.92 33.19
N ARG B 227 18.38 7.88 32.95
CA ARG B 227 17.87 6.69 32.29
C ARG B 227 16.88 5.94 33.18
N LYS B 228 17.13 5.93 34.50
CA LYS B 228 16.21 5.25 35.41
C LYS B 228 14.84 5.90 35.42
N GLU B 229 14.80 7.24 35.43
CA GLU B 229 13.52 7.94 35.48
C GLU B 229 12.77 7.82 34.16
N ILE B 230 13.48 7.99 33.04
CA ILE B 230 12.85 7.80 31.73
C ILE B 230 12.31 6.38 31.62
N GLU B 231 13.08 5.41 32.08
CA GLU B 231 12.61 4.02 32.12
C GLU B 231 11.33 3.89 32.94
N ASP B 232 11.28 4.57 34.10
CA ASP B 232 10.10 4.49 34.94
C ASP B 232 8.93 5.23 34.31
N ILE B 233 9.20 6.34 33.62
CA ILE B 233 8.13 7.07 32.93
C ILE B 233 7.53 6.19 31.84
N ILE B 234 8.38 5.53 31.05
CA ILE B 234 7.90 4.66 29.98
C ILE B 234 7.04 3.53 30.54
N ARG B 235 7.52 2.89 31.60
CA ARG B 235 6.78 1.77 32.19
C ARG B 235 5.42 2.20 32.70
N ILE B 236 5.35 3.35 33.39
CA ILE B 236 4.07 3.84 33.88
C ILE B 236 3.12 4.16 32.72
N THR B 237 3.63 4.82 31.69
CA THR B 237 2.79 5.19 30.56
C THR B 237 2.34 3.96 29.78
N GLU B 238 3.21 2.95 29.65
CA GLU B 238 2.82 1.72 28.98
C GLU B 238 1.65 1.04 29.68
N GLU B 239 1.71 0.98 31.03
CA GLU B 239 0.61 0.38 31.79
C GLU B 239 -0.71 1.10 31.54
N ILE B 240 -0.67 2.44 31.46
CA ILE B 240 -1.90 3.21 31.23
C ILE B 240 -2.48 2.88 29.86
N PHE B 241 -1.62 2.78 28.84
CA PHE B 241 -2.07 2.49 27.49
C PHE B 241 -2.37 1.01 27.27
N THR B 242 -1.83 0.13 28.11
CA THR B 242 -1.86 -1.32 27.86
C THR B 242 -1.27 -1.64 26.50
N GLU B 243 -0.25 -0.89 26.11
CA GLU B 243 0.41 -1.02 24.82
C GLU B 243 1.89 -0.74 24.97
N ASP B 244 2.69 -1.32 24.08
CA ASP B 244 4.13 -1.09 24.09
C ASP B 244 4.45 0.34 23.65
N ALA B 245 5.58 0.85 24.15
CA ALA B 245 5.89 2.27 23.98
C ALA B 245 5.98 2.69 22.53
N GLU B 246 6.82 2.00 21.73
CA GLU B 246 6.95 2.47 20.36
C GLU B 246 5.64 2.41 19.60
N SER B 247 4.78 1.45 19.92
CA SER B 247 3.49 1.39 19.21
C SER B 247 2.58 2.52 19.64
N ILE B 248 2.70 3.00 20.89
CA ILE B 248 1.92 4.16 21.33
C ILE B 248 2.24 5.36 20.46
N VAL B 249 3.52 5.55 20.13
CA VAL B 249 3.93 6.70 19.35
C VAL B 249 3.51 6.54 17.88
N ILE B 250 3.69 5.35 17.33
CA ILE B 250 3.28 5.10 15.94
C ILE B 250 1.79 5.33 15.77
N ASN B 251 0.99 4.83 16.72
CA ASN B 251 -0.45 5.01 16.63
C ASN B 251 -0.85 6.48 16.73
N GLU B 252 -0.15 7.25 17.58
CA GLU B 252 -0.50 8.65 17.75
C GLU B 252 -0.14 9.47 16.51
N ARG B 253 0.94 9.11 15.82
CA ARG B 253 1.27 9.80 14.57
C ARG B 253 0.20 9.55 13.51
N TYR B 254 -0.13 8.28 13.27
CA TYR B 254 -1.15 7.94 12.28
C TYR B 254 -2.51 8.51 12.67
N ALA B 255 -2.89 8.35 13.94
CA ALA B 255 -4.14 8.94 14.42
C ALA B 255 -4.18 10.45 14.15
N PHE B 256 -3.03 11.12 14.33
CA PHE B 256 -2.97 12.54 14.01
C PHE B 256 -3.10 12.79 12.51
N ILE B 257 -2.51 11.90 11.70
CA ILE B 257 -2.60 12.05 10.25
C ILE B 257 -4.04 11.84 9.77
N GLU B 258 -4.69 10.78 10.26
CA GLU B 258 -6.05 10.48 9.82
C GLU B 258 -7.02 11.61 10.13
N ARG B 259 -6.72 12.40 11.16
CA ARG B 259 -7.55 13.57 11.49
C ARG B 259 -7.34 14.72 10.51
N VAL B 260 -6.30 14.67 9.69
CA VAL B 260 -6.02 15.75 8.74
C VAL B 260 -6.27 15.30 7.31
C1 EDO C . -5.89 -31.48 -12.18
O1 EDO C . -5.56 -31.80 -13.54
C2 EDO C . -7.37 -31.76 -11.94
O2 EDO C . -7.62 -31.80 -10.54
PB GDP D . -13.41 -13.29 5.82
O1B GDP D . -12.09 -13.37 6.56
O2B GDP D . -13.15 -13.14 4.35
O3B GDP D . -14.22 -14.53 6.08
O3A GDP D . -14.16 -11.99 6.37
PA GDP D . -15.05 -12.02 7.72
O1A GDP D . -14.35 -12.74 8.85
O2A GDP D . -16.41 -12.63 7.45
O5' GDP D . -15.18 -10.44 8.02
C5' GDP D . -14.08 -9.76 8.62
C4' GDP D . -14.55 -8.49 9.31
O4' GDP D . -15.06 -7.59 8.32
C3' GDP D . -15.68 -8.80 10.28
O3' GDP D . -15.44 -8.07 11.49
C2' GDP D . -16.92 -8.27 9.59
O2' GDP D . -17.83 -7.72 10.55
C1' GDP D . -16.38 -7.18 8.67
N9 GDP D . -17.21 -7.04 7.45
C8 GDP D . -17.53 -8.04 6.60
N7 GDP D . -18.30 -7.58 5.59
C5 GDP D . -18.48 -6.26 5.79
C6 GDP D . -19.20 -5.16 5.10
O6 GDP D . -19.83 -5.39 4.05
N1 GDP D . -19.14 -3.94 5.63
C2 GDP D . -18.46 -3.68 6.76
N2 GDP D . -18.46 -2.41 7.25
N3 GDP D . -17.79 -4.63 7.45
C4 GDP D . -17.76 -5.91 7.02
AL ALF E . -10.47 -15.01 6.65
F1 ALF E . -10.52 -15.13 8.42
F2 ALF E . -10.44 -14.89 4.86
F3 ALF E . -9.14 -13.83 6.77
F4 ALF E . -11.82 -16.17 6.53
MG MG F . -13.70 -16.57 6.96
K K G . -11.63 -12.66 9.26
CL CL H . -2.04 -16.27 -0.68
C1 EDO I . 6.57 3.97 9.39
O1 EDO I . 6.00 2.80 9.98
C2 EDO I . 6.35 3.97 7.88
O2 EDO I . 7.59 3.74 7.22
PB GDP J . 14.16 13.21 -5.21
O1B GDP J . 13.35 13.58 -3.99
O2B GDP J . 15.38 14.10 -5.30
O3B GDP J . 14.56 11.77 -5.13
O3A GDP J . 13.24 13.38 -6.52
PA GDP J . 13.85 13.59 -7.99
O1A GDP J . 14.29 15.03 -8.19
O2A GDP J . 14.99 12.65 -8.28
O5' GDP J . 12.57 13.27 -8.90
C5' GDP J . 12.20 11.92 -9.13
C4' GDP J . 11.35 11.85 -10.39
O4' GDP J . 10.14 12.58 -10.17
C3' GDP J . 12.06 12.52 -11.55
O3' GDP J . 11.91 11.71 -12.72
C2' GDP J . 11.34 13.83 -11.73
O2' GDP J . 11.29 14.19 -13.11
C1' GDP J . 9.95 13.56 -11.19
N9 GDP J . 9.35 14.76 -10.56
C8 GDP J . 9.92 15.52 -9.61
N7 GDP J . 9.10 16.55 -9.25
C5 GDP J . 7.97 16.43 -9.98
C6 GDP J . 6.70 17.18 -10.08
O6 GDP J . 6.49 18.19 -9.38
N1 GDP J . 5.78 16.74 -10.94
C2 GDP J . 5.98 15.65 -11.72
N2 GDP J . 5.00 15.27 -12.57
N3 GDP J . 7.12 14.92 -11.67
C4 GDP J . 8.13 15.25 -10.83
AL ALF K . 16.22 10.66 -3.97
F1 ALF K . 15.36 11.12 -2.48
F2 ALF K . 17.07 10.21 -5.47
F3 ALF K . 17.12 12.21 -3.93
F4 ALF K . 15.31 9.13 -4.02
MG MG L . 17.44 13.84 -4.97
K K M . 15.13 10.05 -7.42
CL CL N . 14.53 6.07 6.20
#